data_8QTK
#
_entry.id   8QTK
#
_cell.length_a   57.268
_cell.length_b   74.966
_cell.length_c   97.560
_cell.angle_alpha   90.00
_cell.angle_beta   90.00
_cell.angle_gamma   90.00
#
_symmetry.space_group_name_H-M   'P 21 21 21'
#
loop_
_entity.id
_entity.type
_entity.pdbx_description
1 polymer 'E3 ubiquitin-protein ligase CBL-B'
2 non-polymer 'ZINC ION'
3 non-polymer 'SODIUM ION'
4 non-polymer 3-[3-[3-methyl-1-(4-methyl-1,2,4-triazol-3-yl)cyclobutyl]phenyl]-1-[(1S)-1-(1-methylpyrazol-4-yl)ethyl]-5-(trifluoromethyl)pyridin-2-one
5 water water
#
_entity_poly.entity_id   1
_entity_poly.type   'polypeptide(L)'
_entity_poly.pdbx_seq_one_letter_code
;HMPKQAAADRRTVEKTWKLMDKVVRLCQNPKLQLKNSPPYILDILPDTYQHLRLILSKYDDNQKLAQLSENEYFKIYIDS
LMKKSKRAIRLFKEGKERMYEEQSQDRRNLTKLSLIFSHMLAEIKAIFPNGQFQGDNFRITKADAAEFWRKFFGDKTIVP
WKVFRQCLHEVHQISSGLEAMALKSTIDLTCNDYISVFEFDIFTRLFQPWGSILRNWNFLAVTHPGYMAFLTYDEVKARL
QKYSTKPGSYIFRLSCTRLGQWAIGYVTGDGNILQTIPHNKPLFQALIDGSREGFYLYPDGRSYNPDLTGLCEPTPHDHI
KVTQEQYELYCEMGSTFQLCKICAENDKDVKIEPCGHLMCTSCLTAWQESDGQGCPFCRCEIKGTEPIIVDPFD
;
_entity_poly.pdbx_strand_id   A
#
# COMPACT_ATOMS: atom_id res chain seq x y z
N LYS A 4 -15.46 5.80 -12.83
CA LYS A 4 -15.39 6.98 -13.70
C LYS A 4 -15.20 8.29 -12.92
N GLN A 5 -14.29 9.14 -13.38
CA GLN A 5 -14.04 10.42 -12.72
C GLN A 5 -14.29 11.59 -13.66
N ALA A 6 -14.59 12.73 -13.09
CA ALA A 6 -14.82 13.95 -13.87
C ALA A 6 -13.44 14.52 -14.32
N ALA A 7 -13.44 15.49 -15.25
CA ALA A 7 -12.23 16.11 -15.75
C ALA A 7 -11.49 16.85 -14.63
N ALA A 8 -10.19 16.57 -14.47
CA ALA A 8 -9.38 17.23 -13.46
C ALA A 8 -8.98 18.64 -13.94
N ASP A 9 -9.96 19.55 -14.01
CA ASP A 9 -9.72 20.91 -14.45
C ASP A 9 -9.15 21.76 -13.29
N ARG A 10 -8.80 23.03 -13.56
CA ARG A 10 -8.26 23.93 -12.55
C ARG A 10 -9.16 24.06 -11.31
N ARG A 11 -10.47 24.25 -11.51
CA ARG A 11 -11.42 24.39 -10.41
C ARG A 11 -11.38 23.16 -9.46
N THR A 12 -11.29 21.94 -10.05
CA THR A 12 -11.23 20.68 -9.31
C THR A 12 -9.90 20.55 -8.57
N VAL A 13 -8.78 20.82 -9.24
CA VAL A 13 -7.45 20.83 -8.61
C VAL A 13 -7.44 21.77 -7.37
N GLU A 14 -8.08 22.92 -7.48
CA GLU A 14 -8.14 23.88 -6.39
C GLU A 14 -9.01 23.44 -5.23
N LYS A 15 -10.04 22.65 -5.50
CA LYS A 15 -10.89 22.10 -4.44
C LYS A 15 -10.07 21.17 -3.52
N THR A 16 -9.15 20.37 -4.11
CA THR A 16 -8.27 19.47 -3.35
C THR A 16 -7.30 20.25 -2.49
N TRP A 17 -6.84 21.44 -2.95
CA TRP A 17 -5.95 22.28 -2.18
C TRP A 17 -6.67 22.76 -0.92
N LYS A 18 -7.95 23.13 -1.04
CA LYS A 18 -8.69 23.65 0.11
C LYS A 18 -8.94 22.53 1.10
N LEU A 19 -9.19 21.30 0.62
CA LEU A 19 -9.41 20.17 1.50
C LEU A 19 -8.10 19.82 2.21
N MET A 20 -6.97 19.81 1.47
CA MET A 20 -5.65 19.54 2.03
C MET A 20 -5.28 20.58 3.09
N ASP A 21 -5.68 21.83 2.88
CA ASP A 21 -5.47 22.91 3.79
C ASP A 21 -6.20 22.63 5.13
N LYS A 22 -7.47 22.17 5.04
CA LYS A 22 -8.26 21.79 6.20
C LYS A 22 -7.59 20.66 6.97
N VAL A 23 -7.03 19.66 6.27
CA VAL A 23 -6.36 18.53 6.91
C VAL A 23 -5.14 19.02 7.68
N VAL A 24 -4.34 19.91 7.06
CA VAL A 24 -3.16 20.51 7.69
C VAL A 24 -3.53 21.20 9.00
N ARG A 25 -4.55 22.05 9.00
CA ARG A 25 -4.97 22.74 10.23
C ARG A 25 -5.40 21.74 11.31
N LEU A 26 -6.18 20.68 10.94
CA LEU A 26 -6.59 19.64 11.88
C LEU A 26 -5.37 18.96 12.53
N CYS A 27 -4.40 18.59 11.70
CA CYS A 27 -3.16 17.95 12.13
C CYS A 27 -2.18 18.89 12.87
N GLN A 28 -2.41 20.22 12.80
CA GLN A 28 -1.61 21.23 13.50
C GLN A 28 -1.96 21.35 14.98
N ASN A 29 -3.11 20.77 15.42
CA ASN A 29 -3.58 20.73 16.82
C ASN A 29 -2.49 20.08 17.68
N PRO A 30 -1.98 20.80 18.69
CA PRO A 30 -0.89 20.23 19.50
C PRO A 30 -1.31 19.11 20.47
N LYS A 31 -2.62 18.90 20.66
CA LYS A 31 -3.12 17.80 21.50
C LYS A 31 -2.82 16.41 20.91
N LEU A 32 -2.50 16.35 19.61
CA LEU A 32 -2.19 15.12 18.93
C LEU A 32 -0.80 14.60 19.31
N GLN A 33 0.13 15.50 19.76
CA GLN A 33 1.52 15.14 20.10
C GLN A 33 2.16 14.34 18.93
N LEU A 34 1.87 14.81 17.70
CA LEU A 34 2.29 14.27 16.42
C LEU A 34 3.79 14.21 16.24
N LYS A 35 4.30 13.01 15.96
CA LYS A 35 5.72 12.81 15.72
C LYS A 35 6.15 13.41 14.38
N ASN A 36 7.27 14.16 14.37
CA ASN A 36 7.80 14.73 13.14
C ASN A 36 8.46 13.67 12.21
N SER A 37 8.35 12.37 12.56
CA SER A 37 8.91 11.25 11.80
C SER A 37 8.02 10.87 10.60
N PRO A 38 8.63 10.43 9.51
CA PRO A 38 7.86 10.13 8.30
C PRO A 38 6.90 8.95 8.40
N PRO A 39 5.75 9.03 7.72
CA PRO A 39 5.30 10.14 6.87
C PRO A 39 4.73 11.32 7.69
N TYR A 40 5.31 12.52 7.54
CA TYR A 40 4.82 13.69 8.27
C TYR A 40 3.88 14.46 7.37
N ILE A 41 2.57 14.35 7.66
CA ILE A 41 1.52 14.96 6.86
C ILE A 41 1.68 16.48 6.71
N LEU A 42 2.28 17.16 7.72
CA LEU A 42 2.52 18.60 7.67
C LEU A 42 3.63 19.01 6.66
N ASP A 43 4.43 18.06 6.19
CA ASP A 43 5.43 18.32 5.15
C ASP A 43 4.80 17.87 3.80
N ILE A 44 4.20 16.66 3.79
CA ILE A 44 3.59 16.03 2.61
C ILE A 44 2.52 16.88 1.95
N LEU A 45 1.51 17.36 2.69
CA LEU A 45 0.45 18.12 2.06
C LEU A 45 0.95 19.43 1.45
N PRO A 46 1.74 20.31 2.13
CA PRO A 46 2.28 21.48 1.43
C PRO A 46 3.15 21.09 0.22
N ASP A 47 3.99 20.02 0.31
CA ASP A 47 4.76 19.54 -0.85
C ASP A 47 3.84 19.04 -2.01
N THR A 48 2.67 18.47 -1.68
CA THR A 48 1.72 18.01 -2.70
C THR A 48 1.17 19.24 -3.41
N TYR A 49 0.83 20.29 -2.65
CA TYR A 49 0.35 21.55 -3.23
C TYR A 49 1.40 22.13 -4.16
N GLN A 50 2.68 22.18 -3.73
CA GLN A 50 3.75 22.76 -4.56
C GLN A 50 3.94 21.97 -5.85
N HIS A 51 3.74 20.63 -5.81
CA HIS A 51 3.85 19.85 -7.03
C HIS A 51 2.67 20.06 -7.93
N LEU A 52 1.47 20.22 -7.38
CA LEU A 52 0.29 20.52 -8.19
C LEU A 52 0.44 21.89 -8.90
N ARG A 53 1.10 22.89 -8.23
CA ARG A 53 1.40 24.18 -8.82
C ARG A 53 2.44 24.05 -9.90
N LEU A 54 3.47 23.24 -9.69
CA LEU A 54 4.50 23.03 -10.68
C LEU A 54 3.90 22.41 -11.96
N ILE A 55 2.90 21.52 -11.81
CA ILE A 55 2.20 20.92 -12.95
C ILE A 55 1.41 22.01 -13.66
N LEU A 56 0.62 22.80 -12.92
CA LEU A 56 -0.17 23.87 -13.53
C LEU A 56 0.67 24.92 -14.22
N SER A 57 1.90 25.17 -13.77
CA SER A 57 2.78 26.15 -14.42
C SER A 57 3.29 25.64 -15.77
N LYS A 58 3.40 24.29 -15.95
CA LYS A 58 3.82 23.69 -17.22
C LYS A 58 2.70 23.68 -18.26
N TYR A 59 1.44 23.49 -17.84
CA TYR A 59 0.29 23.49 -18.74
C TYR A 59 -0.36 24.86 -18.61
N ASP A 60 0.31 25.88 -19.18
CA ASP A 60 -0.06 27.29 -19.01
C ASP A 60 -1.12 27.86 -19.95
N ASP A 61 -1.61 27.10 -20.95
CA ASP A 61 -2.69 27.63 -21.80
C ASP A 61 -3.93 26.72 -21.76
N ASN A 62 -5.06 27.18 -22.30
CA ASN A 62 -6.32 26.45 -22.28
C ASN A 62 -6.24 25.10 -22.97
N GLN A 63 -5.43 24.99 -24.04
CA GLN A 63 -5.27 23.74 -24.80
C GLN A 63 -4.41 22.75 -24.03
N LYS A 64 -3.38 23.24 -23.32
CA LYS A 64 -2.56 22.41 -22.48
C LYS A 64 -3.40 21.96 -21.29
N LEU A 65 -4.19 22.88 -20.69
CA LEU A 65 -5.09 22.56 -19.57
C LEU A 65 -6.14 21.52 -19.92
N ALA A 66 -6.64 21.54 -21.16
CA ALA A 66 -7.65 20.59 -21.58
C ALA A 66 -7.03 19.20 -21.69
N GLN A 67 -5.82 19.11 -22.28
CA GLN A 67 -5.07 17.86 -22.39
C GLN A 67 -4.80 17.28 -20.98
N LEU A 68 -4.35 18.14 -20.03
CA LEU A 68 -4.08 17.75 -18.65
C LEU A 68 -5.36 17.26 -17.93
N SER A 69 -6.49 17.98 -18.13
CA SER A 69 -7.75 17.58 -17.49
C SER A 69 -8.25 16.22 -17.96
N GLU A 70 -7.94 15.83 -19.22
CA GLU A 70 -8.37 14.52 -19.71
C GLU A 70 -7.27 13.45 -19.66
N ASN A 71 -6.24 13.65 -18.84
CA ASN A 71 -5.19 12.67 -18.70
C ASN A 71 -5.79 11.61 -17.76
N GLU A 72 -5.80 10.33 -18.20
CA GLU A 72 -6.38 9.26 -17.39
C GLU A 72 -5.77 9.17 -15.99
N TYR A 73 -4.43 9.14 -15.88
CA TYR A 73 -3.78 9.10 -14.58
C TYR A 73 -4.10 10.37 -13.74
N PHE A 74 -4.04 11.57 -14.35
CA PHE A 74 -4.26 12.81 -13.62
C PHE A 74 -5.69 12.88 -13.07
N LYS A 75 -6.67 12.42 -13.85
CA LYS A 75 -8.06 12.38 -13.38
C LYS A 75 -8.20 11.48 -12.16
N ILE A 76 -7.58 10.28 -12.21
CA ILE A 76 -7.64 9.33 -11.11
C ILE A 76 -6.93 9.92 -9.91
N TYR A 77 -5.72 10.49 -10.10
CA TYR A 77 -4.93 11.10 -9.02
C TYR A 77 -5.73 12.18 -8.28
N ILE A 78 -6.31 13.16 -9.00
CA ILE A 78 -7.02 14.29 -8.37
C ILE A 78 -8.26 13.81 -7.61
N ASP A 79 -8.96 12.83 -8.18
CA ASP A 79 -10.13 12.20 -7.57
C ASP A 79 -9.68 11.46 -6.26
N SER A 80 -8.56 10.69 -6.32
CA SER A 80 -8.05 9.98 -5.13
C SER A 80 -7.58 10.99 -4.09
N LEU A 81 -6.92 12.09 -4.51
CA LEU A 81 -6.44 13.10 -3.58
C LEU A 81 -7.58 13.75 -2.85
N MET A 82 -8.66 14.08 -3.59
CA MET A 82 -9.90 14.63 -3.03
C MET A 82 -10.55 13.66 -2.01
N LYS A 83 -10.63 12.40 -2.37
CA LYS A 83 -11.25 11.37 -1.54
C LYS A 83 -10.54 11.13 -0.23
N LYS A 84 -9.21 11.02 -0.27
CA LYS A 84 -8.43 10.81 0.95
C LYS A 84 -8.44 12.05 1.82
N SER A 85 -8.51 13.25 1.21
CA SER A 85 -8.55 14.47 2.01
C SER A 85 -9.89 14.56 2.73
N LYS A 86 -11.00 14.28 2.02
CA LYS A 86 -12.34 14.29 2.61
C LYS A 86 -12.41 13.24 3.71
N ARG A 87 -11.80 12.06 3.49
CA ARG A 87 -11.71 10.98 4.45
C ARG A 87 -10.96 11.41 5.72
N ALA A 88 -9.84 12.14 5.57
CA ALA A 88 -9.08 12.64 6.72
C ALA A 88 -9.91 13.62 7.54
N ILE A 89 -10.70 14.47 6.87
CA ILE A 89 -11.57 15.43 7.54
C ILE A 89 -12.66 14.69 8.34
N ARG A 90 -13.23 13.64 7.75
CA ARG A 90 -14.25 12.80 8.36
C ARG A 90 -13.69 12.03 9.58
N LEU A 91 -12.46 11.53 9.47
CA LEU A 91 -11.78 10.84 10.55
C LEU A 91 -11.65 11.75 11.78
N PHE A 92 -11.31 13.04 11.58
CA PHE A 92 -11.19 13.98 12.69
C PHE A 92 -12.53 14.31 13.31
N LYS A 93 -13.59 14.37 12.48
CA LYS A 93 -14.94 14.70 12.90
C LYS A 93 -15.53 13.59 13.78
N GLU A 94 -15.53 12.35 13.28
CA GLU A 94 -16.07 11.19 13.99
C GLU A 94 -15.18 10.77 15.17
N GLY A 95 -13.88 10.94 15.02
CA GLY A 95 -12.91 10.55 16.04
C GLY A 95 -13.00 11.33 17.32
N LYS A 96 -13.40 12.61 17.23
CA LYS A 96 -13.56 13.51 18.38
C LYS A 96 -12.30 13.49 19.28
N GLU A 97 -12.39 13.01 20.52
CA GLU A 97 -11.23 12.97 21.43
C GLU A 97 -10.33 11.76 21.20
N ARG A 98 -10.82 10.71 20.52
CA ARG A 98 -10.01 9.53 20.24
C ARG A 98 -8.80 9.84 19.32
N MET A 99 -8.83 10.98 18.62
CA MET A 99 -7.70 11.42 17.81
C MET A 99 -6.50 11.79 18.68
N TYR A 100 -6.72 12.16 19.95
CA TYR A 100 -5.62 12.54 20.84
C TYR A 100 -5.03 11.34 21.61
N GLU A 101 -5.59 10.12 21.39
CA GLU A 101 -5.17 8.83 21.93
C GLU A 101 -4.28 8.20 20.87
N GLU A 102 -2.96 8.19 21.11
CA GLU A 102 -2.01 7.61 20.16
C GLU A 102 -2.29 6.13 19.82
N GLN A 103 -2.91 5.37 20.72
CA GLN A 103 -3.20 3.96 20.46
C GLN A 103 -4.59 3.68 19.88
N SER A 104 -5.41 4.72 19.63
CA SER A 104 -6.75 4.50 19.07
C SER A 104 -6.74 4.07 17.60
N GLN A 105 -7.83 3.47 17.13
CA GLN A 105 -7.98 3.06 15.73
C GLN A 105 -8.09 4.30 14.82
N ASP A 106 -8.62 5.42 15.34
CA ASP A 106 -8.72 6.69 14.63
C ASP A 106 -7.33 7.22 14.33
N ARG A 107 -6.39 7.11 15.29
CA ARG A 107 -5.03 7.56 15.05
C ARG A 107 -4.29 6.61 14.11
N ARG A 108 -4.56 5.31 14.23
CA ARG A 108 -4.00 4.28 13.36
C ARG A 108 -4.41 4.56 11.91
N ASN A 109 -5.68 4.97 11.71
CA ASN A 109 -6.23 5.36 10.41
C ASN A 109 -5.54 6.58 9.83
N LEU A 110 -5.19 7.55 10.70
CA LEU A 110 -4.42 8.73 10.33
C LEU A 110 -3.05 8.32 9.83
N THR A 111 -2.36 7.37 10.51
CA THR A 111 -1.07 6.87 9.99
C THR A 111 -1.26 6.21 8.61
N LYS A 112 -2.37 5.48 8.42
CA LYS A 112 -2.67 4.84 7.13
C LYS A 112 -2.82 5.91 6.04
N LEU A 113 -3.54 6.99 6.34
CA LEU A 113 -3.73 8.10 5.40
C LEU A 113 -2.43 8.83 5.13
N SER A 114 -1.60 9.01 6.15
CA SER A 114 -0.33 9.72 6.03
C SER A 114 0.60 8.97 5.06
N LEU A 115 0.62 7.62 5.17
CA LEU A 115 1.39 6.75 4.31
C LEU A 115 0.83 6.87 2.87
N ILE A 116 -0.50 6.93 2.69
CA ILE A 116 -1.13 7.04 1.38
C ILE A 116 -0.75 8.37 0.72
N PHE A 117 -0.85 9.47 1.48
CA PHE A 117 -0.48 10.80 1.01
C PHE A 117 1.02 10.83 0.65
N SER A 118 1.87 10.16 1.43
CA SER A 118 3.29 10.09 1.15
C SER A 118 3.53 9.39 -0.19
N HIS A 119 2.92 8.22 -0.37
CA HIS A 119 3.10 7.42 -1.57
C HIS A 119 2.60 8.14 -2.82
N MET A 120 1.47 8.87 -2.67
CA MET A 120 0.88 9.67 -3.74
C MET A 120 1.78 10.80 -4.17
N LEU A 121 2.50 11.40 -3.24
CA LEU A 121 3.42 12.48 -3.56
C LEU A 121 4.60 11.91 -4.35
N ALA A 122 5.15 10.77 -3.92
CA ALA A 122 6.24 10.13 -4.66
C ALA A 122 5.76 9.73 -6.05
N GLU A 123 4.51 9.22 -6.15
CA GLU A 123 3.92 8.84 -7.44
C GLU A 123 3.75 10.02 -8.37
N ILE A 124 3.15 11.13 -7.89
CA ILE A 124 2.96 12.28 -8.76
C ILE A 124 4.30 12.90 -9.19
N LYS A 125 5.38 12.86 -8.37
CA LYS A 125 6.70 13.36 -8.77
C LYS A 125 7.41 12.46 -9.78
N ALA A 126 7.05 11.17 -9.82
CA ALA A 126 7.63 10.21 -10.74
C ALA A 126 6.90 10.27 -12.08
N ILE A 127 5.56 10.43 -12.05
CA ILE A 127 4.76 10.48 -13.28
C ILE A 127 4.81 11.86 -13.92
N PHE A 128 4.94 12.92 -13.09
CA PHE A 128 5.06 14.28 -13.58
C PHE A 128 6.38 14.87 -13.10
N PRO A 129 7.57 14.35 -13.49
CA PRO A 129 8.83 14.96 -13.01
C PRO A 129 8.93 16.38 -13.55
N ASN A 130 9.20 17.33 -12.67
CA ASN A 130 9.21 18.75 -13.00
C ASN A 130 7.86 19.23 -13.62
N GLY A 131 6.75 18.66 -13.18
CA GLY A 131 5.42 19.06 -13.63
C GLY A 131 5.04 18.68 -15.05
N GLN A 132 5.79 17.77 -15.70
CA GLN A 132 5.51 17.38 -17.07
C GLN A 132 5.16 15.89 -17.13
N PHE A 133 4.05 15.52 -17.81
CA PHE A 133 3.66 14.11 -17.86
C PHE A 133 4.69 13.26 -18.58
N GLN A 134 5.13 12.17 -17.93
CA GLN A 134 6.08 11.21 -18.48
C GLN A 134 5.63 9.75 -18.22
N GLY A 135 4.35 9.53 -17.94
CA GLY A 135 3.81 8.21 -17.66
C GLY A 135 3.96 7.27 -18.83
N ASP A 136 3.67 7.76 -20.04
CA ASP A 136 3.82 6.93 -21.25
C ASP A 136 5.29 6.58 -21.55
N ASN A 137 6.24 7.35 -21.01
CA ASN A 137 7.68 7.12 -21.13
C ASN A 137 8.26 6.64 -19.77
N PHE A 138 7.44 6.10 -18.84
CA PHE A 138 7.94 5.70 -17.53
C PHE A 138 8.71 4.41 -17.71
N ARG A 139 9.91 4.34 -17.15
CA ARG A 139 10.71 3.17 -17.30
C ARG A 139 10.72 2.30 -16.09
N ILE A 140 10.12 1.11 -16.18
CA ILE A 140 10.09 0.16 -15.08
C ILE A 140 11.52 -0.36 -14.89
N THR A 141 12.01 -0.39 -13.66
CA THR A 141 13.40 -0.75 -13.40
C THR A 141 13.71 -2.16 -13.88
N LYS A 142 12.91 -3.18 -13.52
CA LYS A 142 13.21 -4.55 -13.93
C LYS A 142 12.62 -4.86 -15.30
N ALA A 143 13.48 -5.25 -16.26
CA ALA A 143 13.10 -5.56 -17.65
C ALA A 143 12.08 -6.69 -17.78
N ASP A 144 12.23 -7.78 -17.03
CA ASP A 144 11.29 -8.89 -17.11
C ASP A 144 9.89 -8.48 -16.59
N ALA A 145 9.86 -7.61 -15.56
CA ALA A 145 8.62 -7.05 -15.03
C ALA A 145 8.04 -6.02 -16.04
N ALA A 146 8.91 -5.26 -16.70
CA ALA A 146 8.50 -4.28 -17.68
C ALA A 146 7.85 -4.98 -18.87
N GLU A 147 8.37 -6.16 -19.28
CA GLU A 147 7.78 -6.93 -20.37
C GLU A 147 6.39 -7.41 -19.99
N PHE A 148 6.15 -7.76 -18.70
CA PHE A 148 4.82 -8.15 -18.25
C PHE A 148 3.85 -6.98 -18.37
N TRP A 149 4.27 -5.79 -17.90
CA TRP A 149 3.39 -4.62 -17.93
C TRP A 149 3.05 -4.27 -19.40
N ARG A 150 4.06 -4.28 -20.25
CA ARG A 150 3.89 -3.97 -21.66
C ARG A 150 3.01 -5.02 -22.40
N LYS A 151 3.15 -6.31 -22.05
CA LYS A 151 2.34 -7.35 -22.65
C LYS A 151 0.85 -7.17 -22.36
N PHE A 152 0.49 -6.96 -21.08
CA PHE A 152 -0.90 -6.92 -20.66
C PHE A 152 -1.54 -5.56 -20.67
N PHE A 153 -0.75 -4.51 -20.51
CA PHE A 153 -1.27 -3.16 -20.38
C PHE A 153 -0.70 -2.15 -21.40
N GLY A 154 0.13 -2.60 -22.33
CA GLY A 154 0.71 -1.71 -23.33
C GLY A 154 1.44 -0.54 -22.74
N ASP A 155 1.09 0.69 -23.19
CA ASP A 155 1.71 1.93 -22.67
C ASP A 155 0.88 2.62 -21.59
N LYS A 156 -0.06 1.90 -20.95
CA LYS A 156 -0.90 2.48 -19.89
C LYS A 156 -0.05 2.91 -18.73
N THR A 157 -0.39 4.05 -18.16
CA THR A 157 0.27 4.53 -16.96
C THR A 157 -0.40 3.92 -15.73
N ILE A 158 -1.69 3.57 -15.79
CA ILE A 158 -2.44 3.07 -14.65
C ILE A 158 -3.55 2.11 -15.12
N VAL A 159 -3.82 1.05 -14.36
CA VAL A 159 -4.87 0.07 -14.69
C VAL A 159 -5.70 -0.24 -13.42
N PRO A 160 -7.00 -0.56 -13.52
CA PRO A 160 -7.75 -0.95 -12.30
C PRO A 160 -7.11 -2.20 -11.68
N TRP A 161 -7.22 -2.33 -10.34
CA TRP A 161 -6.74 -3.48 -9.59
C TRP A 161 -7.34 -4.78 -10.17
N LYS A 162 -8.65 -4.79 -10.44
CA LYS A 162 -9.38 -5.90 -11.02
C LYS A 162 -8.65 -6.52 -12.24
N VAL A 163 -8.30 -5.71 -13.23
CA VAL A 163 -7.61 -6.10 -14.45
C VAL A 163 -6.18 -6.56 -14.16
N PHE A 164 -5.48 -5.81 -13.31
CA PHE A 164 -4.12 -6.11 -12.90
C PHE A 164 -4.02 -7.51 -12.26
N ARG A 165 -4.88 -7.80 -11.28
CA ARG A 165 -4.88 -9.05 -10.53
C ARG A 165 -5.16 -10.22 -11.48
N GLN A 166 -6.12 -10.06 -12.41
CA GLN A 166 -6.49 -11.13 -13.35
C GLN A 166 -5.33 -11.45 -14.27
N CYS A 167 -4.67 -10.43 -14.81
CA CYS A 167 -3.52 -10.58 -15.69
C CYS A 167 -2.29 -11.14 -14.95
N LEU A 168 -2.05 -10.70 -13.68
CA LEU A 168 -0.94 -11.21 -12.88
C LEU A 168 -1.11 -12.69 -12.65
N HIS A 169 -2.35 -13.13 -12.35
CA HIS A 169 -2.69 -14.52 -12.10
C HIS A 169 -2.35 -15.40 -13.30
N GLU A 170 -2.36 -14.86 -14.54
CA GLU A 170 -1.98 -15.62 -15.74
C GLU A 170 -0.50 -15.98 -15.72
N VAL A 171 0.33 -15.23 -14.98
CA VAL A 171 1.76 -15.52 -14.92
C VAL A 171 2.15 -16.09 -13.58
N HIS A 172 1.69 -15.48 -12.51
CA HIS A 172 1.99 -15.91 -11.15
C HIS A 172 0.67 -16.18 -10.42
N GLN A 173 0.36 -17.46 -10.21
CA GLN A 173 -0.89 -17.85 -9.58
C GLN A 173 -1.07 -17.35 -8.15
N ILE A 174 -2.27 -16.85 -7.89
CA ILE A 174 -2.66 -16.35 -6.58
C ILE A 174 -3.64 -17.38 -6.11
N SER A 175 -3.27 -18.09 -5.06
CA SER A 175 -4.06 -19.23 -4.63
C SER A 175 -5.41 -18.93 -3.93
N SER A 176 -5.65 -17.72 -3.41
CA SER A 176 -6.93 -17.48 -2.71
C SER A 176 -7.34 -15.99 -2.67
N GLY A 177 -8.56 -15.74 -2.15
CA GLY A 177 -9.13 -14.42 -2.01
C GLY A 177 -8.38 -13.63 -0.97
N LEU A 178 -7.96 -14.31 0.14
CA LEU A 178 -7.21 -13.61 1.17
C LEU A 178 -5.82 -13.24 0.68
N GLU A 179 -5.15 -14.14 -0.06
CA GLU A 179 -3.84 -13.81 -0.64
C GLU A 179 -3.94 -12.60 -1.57
N ALA A 180 -4.95 -12.57 -2.45
CA ALA A 180 -5.23 -11.46 -3.39
C ALA A 180 -5.49 -10.16 -2.62
N MET A 181 -6.19 -10.26 -1.50
CA MET A 181 -6.45 -9.09 -0.66
C MET A 181 -5.14 -8.55 -0.03
N ALA A 182 -4.27 -9.43 0.48
CA ALA A 182 -2.96 -9.09 1.03
C ALA A 182 -2.07 -8.50 -0.09
N LEU A 183 -2.18 -9.02 -1.31
CA LEU A 183 -1.41 -8.55 -2.45
C LEU A 183 -1.87 -7.17 -2.90
N LYS A 184 -3.18 -6.86 -2.79
CA LYS A 184 -3.68 -5.54 -3.13
C LYS A 184 -3.11 -4.52 -2.17
N SER A 185 -3.15 -4.81 -0.86
CA SER A 185 -2.61 -3.87 0.14
C SER A 185 -1.08 -3.64 0.02
N THR A 186 -0.37 -4.53 -0.67
CA THR A 186 1.07 -4.42 -0.84
C THR A 186 1.40 -3.62 -2.10
N ILE A 187 0.64 -3.82 -3.19
CA ILE A 187 0.93 -3.12 -4.45
C ILE A 187 0.23 -1.79 -4.59
N ASP A 188 -1.04 -1.74 -4.21
CA ASP A 188 -1.84 -0.52 -4.30
C ASP A 188 -1.54 0.30 -3.06
N LEU A 189 -0.34 0.94 -3.09
CA LEU A 189 0.13 1.76 -1.99
C LEU A 189 -0.73 3.01 -1.78
N THR A 190 -1.31 3.54 -2.89
CA THR A 190 -2.14 4.74 -2.76
C THR A 190 -3.58 4.47 -2.40
N CYS A 191 -3.97 3.19 -2.21
CA CYS A 191 -5.33 2.74 -1.86
C CYS A 191 -6.42 3.38 -2.72
N ASN A 192 -6.21 3.36 -4.04
CA ASN A 192 -7.18 3.91 -4.97
C ASN A 192 -7.85 2.85 -5.87
N ASP A 193 -7.59 1.56 -5.64
CA ASP A 193 -8.12 0.46 -6.47
C ASP A 193 -7.55 0.45 -7.89
N TYR A 194 -6.39 1.07 -8.09
CA TYR A 194 -5.68 1.06 -9.35
C TYR A 194 -4.23 0.71 -9.04
N ILE A 195 -3.53 0.25 -10.07
CA ILE A 195 -2.12 0.02 -9.97
C ILE A 195 -1.51 0.90 -11.03
N SER A 196 -0.70 1.88 -10.61
CA SER A 196 0.03 2.69 -11.57
C SER A 196 1.32 1.98 -11.94
N VAL A 197 1.92 2.39 -13.05
CA VAL A 197 3.20 1.85 -13.49
C VAL A 197 4.28 2.14 -12.42
N PHE A 198 4.13 3.24 -11.62
CA PHE A 198 5.08 3.55 -10.55
C PHE A 198 4.92 2.57 -9.36
N GLU A 199 3.68 2.26 -8.95
CA GLU A 199 3.43 1.30 -7.87
C GLU A 199 3.95 -0.10 -8.28
N PHE A 200 3.76 -0.48 -9.54
CA PHE A 200 4.24 -1.77 -10.09
C PHE A 200 5.78 -1.83 -10.01
N ASP A 201 6.45 -0.72 -10.40
CA ASP A 201 7.91 -0.59 -10.32
C ASP A 201 8.41 -0.76 -8.88
N ILE A 202 7.76 -0.10 -7.90
CA ILE A 202 8.16 -0.23 -6.51
C ILE A 202 8.03 -1.69 -6.05
N PHE A 203 6.83 -2.32 -6.27
CA PHE A 203 6.60 -3.67 -5.86
C PHE A 203 7.60 -4.64 -6.51
N THR A 204 7.84 -4.51 -7.82
CA THR A 204 8.76 -5.39 -8.52
C THR A 204 10.21 -5.15 -8.13
N ARG A 205 10.57 -3.93 -7.68
CA ARG A 205 11.95 -3.68 -7.22
C ARG A 205 12.18 -4.36 -5.87
N LEU A 206 11.23 -4.25 -4.97
CA LEU A 206 11.28 -4.86 -3.64
C LEU A 206 11.29 -6.38 -3.63
N PHE A 207 10.42 -7.03 -4.45
CA PHE A 207 10.28 -8.48 -4.39
C PHE A 207 10.87 -9.21 -5.60
N GLN A 208 11.82 -8.59 -6.30
CA GLN A 208 12.57 -9.16 -7.42
C GLN A 208 13.40 -10.37 -6.93
N PRO A 209 13.72 -11.35 -7.82
CA PRO A 209 13.40 -11.40 -9.26
C PRO A 209 11.93 -11.69 -9.62
N TRP A 210 11.52 -11.15 -10.77
CA TRP A 210 10.18 -11.32 -11.30
C TRP A 210 9.75 -12.78 -11.43
N GLY A 211 10.67 -13.66 -11.81
CA GLY A 211 10.37 -15.07 -12.02
C GLY A 211 9.69 -15.76 -10.86
N SER A 212 9.93 -15.29 -9.63
CA SER A 212 9.32 -15.92 -8.46
C SER A 212 8.80 -14.87 -7.45
N ILE A 213 8.39 -13.70 -7.96
CA ILE A 213 7.96 -12.54 -7.20
C ILE A 213 6.95 -12.83 -6.10
N LEU A 214 5.97 -13.72 -6.34
CA LEU A 214 4.96 -14.00 -5.34
C LEU A 214 5.49 -14.92 -4.26
N ARG A 215 6.39 -15.85 -4.61
CA ARG A 215 7.05 -16.66 -3.59
C ARG A 215 7.94 -15.73 -2.73
N ASN A 216 8.67 -14.79 -3.38
CA ASN A 216 9.52 -13.83 -2.66
C ASN A 216 8.68 -12.98 -1.70
N TRP A 217 7.55 -12.45 -2.17
CA TRP A 217 6.68 -11.63 -1.33
C TRP A 217 6.10 -12.44 -0.13
N ASN A 218 5.60 -13.68 -0.39
CA ASN A 218 5.03 -14.50 0.66
C ASN A 218 6.10 -14.85 1.71
N PHE A 219 7.32 -15.21 1.27
CA PHE A 219 8.37 -15.61 2.19
C PHE A 219 9.08 -14.43 2.86
N LEU A 220 9.23 -13.29 2.17
CA LEU A 220 9.94 -12.14 2.74
C LEU A 220 9.07 -11.24 3.57
N ALA A 221 7.77 -11.10 3.23
CA ALA A 221 6.92 -10.14 3.93
C ALA A 221 5.73 -10.73 4.69
N VAL A 222 4.99 -11.65 4.07
CA VAL A 222 3.78 -12.18 4.71
C VAL A 222 4.09 -12.99 5.93
N THR A 223 5.12 -13.82 5.84
CA THR A 223 5.44 -14.75 6.92
C THR A 223 6.80 -14.63 7.57
N HIS A 224 7.62 -13.65 7.19
CA HIS A 224 8.96 -13.54 7.76
C HIS A 224 8.96 -12.74 9.06
N PRO A 225 9.52 -13.30 10.16
CA PRO A 225 9.53 -12.57 11.44
C PRO A 225 10.38 -11.30 11.51
N GLY A 226 11.29 -11.14 10.55
CA GLY A 226 12.15 -9.95 10.48
C GLY A 226 11.52 -8.78 9.74
N TYR A 227 10.47 -9.06 8.94
CA TYR A 227 9.78 -8.01 8.18
C TYR A 227 8.98 -7.04 9.07
N MET A 228 9.27 -5.73 8.96
CA MET A 228 8.65 -4.68 9.78
C MET A 228 7.81 -3.66 9.01
N ALA A 229 7.56 -3.84 7.72
CA ALA A 229 6.74 -2.92 6.91
C ALA A 229 7.32 -1.43 6.99
N PHE A 230 6.55 -0.33 7.19
CA PHE A 230 7.06 1.01 7.24
C PHE A 230 7.39 1.43 8.64
N LEU A 231 7.79 0.49 9.55
CA LEU A 231 8.24 0.87 10.91
C LEU A 231 9.45 1.80 10.73
N THR A 232 9.41 2.99 11.38
CA THR A 232 10.44 4.03 11.24
C THR A 232 11.84 3.56 11.72
N TYR A 233 12.90 4.28 11.35
CA TYR A 233 14.26 3.95 11.82
C TYR A 233 14.35 3.97 13.36
N ASP A 234 13.71 4.96 14.02
CA ASP A 234 13.74 5.09 15.46
C ASP A 234 13.09 3.88 16.09
N GLU A 235 11.95 3.45 15.55
CA GLU A 235 11.27 2.28 16.09
C GLU A 235 12.03 0.99 15.81
N VAL A 236 12.81 0.95 14.72
CA VAL A 236 13.62 -0.22 14.40
C VAL A 236 14.75 -0.31 15.41
N LYS A 237 15.39 0.82 15.71
CA LYS A 237 16.46 0.87 16.69
C LYS A 237 15.95 0.55 18.09
N ALA A 238 14.78 1.11 18.46
CA ALA A 238 14.18 0.83 19.78
C ALA A 238 13.72 -0.64 19.88
N ARG A 239 13.29 -1.25 18.77
CA ARG A 239 12.90 -2.66 18.79
C ARG A 239 14.14 -3.54 18.93
N LEU A 240 15.23 -3.19 18.23
CA LEU A 240 16.47 -3.96 18.31
C LEU A 240 17.25 -3.70 19.59
N GLN A 241 16.99 -2.58 20.29
CA GLN A 241 17.69 -2.19 21.53
C GLN A 241 17.60 -3.29 22.57
N LYS A 242 16.42 -3.92 22.68
CA LYS A 242 16.13 -5.03 23.57
C LYS A 242 17.04 -6.24 23.29
N TYR A 243 17.55 -6.39 22.06
CA TYR A 243 18.41 -7.52 21.70
C TYR A 243 19.87 -7.14 21.46
N SER A 244 20.32 -5.98 21.96
CA SER A 244 21.70 -5.53 21.78
C SER A 244 22.76 -6.49 22.32
N THR A 245 22.36 -7.43 23.20
CA THR A 245 23.30 -8.43 23.73
C THR A 245 23.38 -9.71 22.85
N LYS A 246 22.55 -9.79 21.82
CA LYS A 246 22.48 -10.88 20.87
C LYS A 246 22.98 -10.37 19.50
N PRO A 247 24.30 -10.42 19.25
CA PRO A 247 24.80 -9.94 17.95
C PRO A 247 24.27 -10.82 16.83
N GLY A 248 23.80 -10.18 15.77
CA GLY A 248 23.17 -10.90 14.68
C GLY A 248 21.66 -10.74 14.67
N SER A 249 21.09 -10.09 15.70
CA SER A 249 19.65 -9.79 15.73
C SER A 249 19.42 -8.75 14.65
N TYR A 250 18.43 -8.99 13.79
CA TYR A 250 18.18 -8.09 12.68
C TYR A 250 16.72 -7.97 12.35
N ILE A 251 16.33 -6.82 11.80
CA ILE A 251 15.01 -6.57 11.24
C ILE A 251 15.17 -5.81 9.95
N PHE A 252 14.20 -5.93 9.03
CA PHE A 252 14.26 -5.18 7.77
C PHE A 252 12.96 -4.46 7.55
N ARG A 253 13.05 -3.22 7.08
CA ARG A 253 11.90 -2.36 6.89
C ARG A 253 11.88 -1.72 5.50
N LEU A 254 10.75 -1.15 5.17
CA LEU A 254 10.56 -0.37 3.99
C LEU A 254 10.76 1.10 4.38
N SER A 255 11.19 1.91 3.45
CA SER A 255 11.39 3.33 3.72
C SER A 255 10.31 4.12 3.02
N CYS A 256 9.58 5.00 3.74
CA CYS A 256 8.58 5.80 3.03
C CYS A 256 9.27 6.95 2.24
N THR A 257 10.50 7.35 2.61
CA THR A 257 11.24 8.36 1.84
C THR A 257 12.16 7.76 0.76
N ARG A 258 12.26 6.44 0.67
CA ARG A 258 13.10 5.80 -0.35
C ARG A 258 12.32 4.58 -0.89
N LEU A 259 11.22 4.83 -1.58
CA LEU A 259 10.37 3.75 -2.11
C LEU A 259 11.08 2.81 -3.06
N GLY A 260 10.81 1.53 -2.90
CA GLY A 260 11.43 0.48 -3.69
C GLY A 260 12.75 0.00 -3.09
N GLN A 261 13.10 0.48 -1.87
CA GLN A 261 14.33 0.08 -1.19
C GLN A 261 14.05 -0.50 0.19
N TRP A 262 14.91 -1.41 0.61
CA TRP A 262 14.90 -2.05 1.90
C TRP A 262 15.97 -1.43 2.79
N ALA A 263 15.72 -1.47 4.10
CA ALA A 263 16.72 -1.01 5.06
C ALA A 263 16.81 -2.10 6.11
N ILE A 264 17.98 -2.70 6.26
CA ILE A 264 18.21 -3.79 7.21
C ILE A 264 18.92 -3.25 8.43
N GLY A 265 18.27 -3.24 9.58
CA GLY A 265 18.89 -2.86 10.85
C GLY A 265 19.41 -4.13 11.52
N TYR A 266 20.58 -4.07 12.14
CA TYR A 266 21.16 -5.23 12.82
C TYR A 266 22.06 -4.86 14.00
N VAL A 267 22.28 -5.83 14.89
CA VAL A 267 23.12 -5.68 16.05
C VAL A 267 24.52 -6.16 15.71
N THR A 268 25.52 -5.29 15.86
CA THR A 268 26.93 -5.61 15.59
C THR A 268 27.55 -6.42 16.76
N GLY A 269 28.81 -6.82 16.64
CA GLY A 269 29.49 -7.53 17.70
C GLY A 269 29.67 -6.69 18.95
N ASP A 270 29.87 -5.37 18.79
CA ASP A 270 30.06 -4.48 19.94
C ASP A 270 28.73 -3.90 20.50
N GLY A 271 27.61 -4.50 20.14
CA GLY A 271 26.31 -4.12 20.67
C GLY A 271 25.64 -2.90 20.06
N ASN A 272 26.27 -2.27 19.05
CA ASN A 272 25.65 -1.12 18.38
C ASN A 272 24.57 -1.59 17.38
N ILE A 273 23.59 -0.72 17.11
CA ILE A 273 22.54 -1.02 16.13
C ILE A 273 22.88 -0.19 14.88
N LEU A 274 23.18 -0.90 13.79
CA LEU A 274 23.57 -0.24 12.54
C LEU A 274 22.59 -0.66 11.43
N GLN A 275 22.58 0.10 10.34
CA GLN A 275 21.71 -0.20 9.24
C GLN A 275 22.46 -0.21 7.91
N THR A 276 21.87 -0.84 6.93
CA THR A 276 22.40 -0.94 5.59
C THR A 276 21.23 -0.99 4.60
N ILE A 277 21.43 -0.43 3.42
CA ILE A 277 20.48 -0.43 2.32
C ILE A 277 21.06 -1.26 1.19
N PRO A 278 20.62 -2.51 1.03
CA PRO A 278 21.14 -3.34 -0.07
C PRO A 278 20.86 -2.74 -1.47
N HIS A 279 21.78 -2.98 -2.43
CA HIS A 279 21.69 -2.49 -3.81
C HIS A 279 20.45 -3.00 -4.61
N ASN A 280 20.49 -2.97 -5.97
CA ASN A 280 19.39 -3.43 -6.83
C ASN A 280 19.40 -4.99 -6.91
N LYS A 281 19.70 -5.63 -5.76
CA LYS A 281 19.80 -7.08 -5.58
C LYS A 281 18.61 -7.62 -4.78
N PRO A 282 18.29 -8.92 -4.98
CA PRO A 282 17.19 -9.51 -4.22
C PRO A 282 17.47 -9.50 -2.72
N LEU A 283 16.49 -9.03 -1.92
CA LEU A 283 16.58 -8.94 -0.46
C LEU A 283 16.97 -10.27 0.15
N PHE A 284 16.38 -11.39 -0.29
CA PHE A 284 16.70 -12.72 0.24
C PHE A 284 18.15 -13.10 0.01
N GLN A 285 18.78 -12.58 -1.07
CA GLN A 285 20.18 -12.87 -1.37
C GLN A 285 21.02 -12.17 -0.30
N ALA A 286 20.75 -10.88 -0.01
CA ALA A 286 21.46 -10.13 1.01
C ALA A 286 21.28 -10.75 2.39
N LEU A 287 20.12 -11.30 2.67
CA LEU A 287 19.84 -11.96 3.95
C LEU A 287 20.61 -13.27 4.12
N ILE A 288 20.73 -14.07 3.04
CA ILE A 288 21.46 -15.34 3.06
C ILE A 288 22.94 -15.06 3.13
N ASP A 289 23.42 -14.04 2.38
CA ASP A 289 24.82 -13.58 2.39
C ASP A 289 25.17 -13.11 3.83
N GLY A 290 24.26 -12.35 4.45
CA GLY A 290 24.46 -11.85 5.79
C GLY A 290 24.40 -12.95 6.84
N SER A 291 23.61 -14.00 6.59
CA SER A 291 23.51 -15.12 7.51
C SER A 291 24.84 -15.87 7.55
N ARG A 292 25.41 -16.22 6.39
CA ARG A 292 26.68 -16.94 6.34
C ARG A 292 27.84 -16.09 6.85
N GLU A 293 27.80 -14.76 6.61
CA GLU A 293 28.86 -13.89 7.12
C GLU A 293 28.73 -13.63 8.64
N GLY A 294 27.52 -13.75 9.18
CA GLY A 294 27.32 -13.64 10.62
C GLY A 294 26.68 -12.37 11.13
N PHE A 295 26.07 -11.60 10.23
CA PHE A 295 25.44 -10.35 10.63
C PHE A 295 23.93 -10.50 10.81
N TYR A 296 23.29 -11.35 9.99
CA TYR A 296 21.84 -11.53 10.06
C TYR A 296 21.45 -12.95 10.48
N LEU A 297 21.41 -13.20 11.78
CA LEU A 297 21.09 -14.53 12.29
C LEU A 297 19.73 -14.61 12.99
N TYR A 298 19.35 -13.57 13.74
CA TYR A 298 18.13 -13.66 14.54
C TYR A 298 17.08 -12.63 14.15
N PRO A 299 16.13 -13.04 13.29
CA PRO A 299 15.10 -12.08 12.85
C PRO A 299 14.22 -11.67 14.02
N ASP A 300 14.30 -10.39 14.41
CA ASP A 300 13.56 -9.86 15.55
C ASP A 300 13.95 -10.59 16.83
N GLY A 301 15.25 -10.83 17.01
CA GLY A 301 15.76 -11.51 18.19
C GLY A 301 15.43 -13.00 18.28
N ARG A 302 14.56 -13.49 17.39
CA ARG A 302 14.11 -14.89 17.37
C ARG A 302 15.25 -15.78 16.98
N SER A 303 15.46 -16.85 17.74
CA SER A 303 16.56 -17.78 17.46
C SER A 303 16.39 -18.53 16.13
N TYR A 304 15.15 -18.63 15.61
CA TYR A 304 14.94 -19.29 14.32
C TYR A 304 14.99 -18.32 13.14
N ASN A 305 15.96 -18.51 12.24
CA ASN A 305 16.05 -17.72 11.01
C ASN A 305 15.53 -18.63 9.90
N PRO A 306 14.42 -18.26 9.26
CA PRO A 306 13.87 -19.11 8.20
C PRO A 306 14.82 -19.37 7.02
N ASP A 307 14.85 -20.62 6.53
CA ASP A 307 15.69 -21.03 5.41
C ASP A 307 15.17 -20.42 4.10
N LEU A 308 15.87 -19.40 3.58
CA LEU A 308 15.50 -18.69 2.36
C LEU A 308 16.12 -19.23 1.07
N THR A 309 17.01 -20.23 1.17
CA THR A 309 17.72 -20.78 0.01
C THR A 309 16.81 -21.52 -1.01
N GLY A 310 15.54 -21.74 -0.65
CA GLY A 310 14.58 -22.37 -1.56
C GLY A 310 14.11 -21.44 -2.66
N LEU A 311 14.22 -20.12 -2.45
CA LEU A 311 13.83 -19.10 -3.43
C LEU A 311 14.77 -19.05 -4.65
N CYS A 312 15.98 -19.62 -4.52
CA CYS A 312 16.99 -19.74 -5.59
C CYS A 312 16.49 -20.67 -6.71
N GLU A 313 15.66 -21.69 -6.36
CA GLU A 313 15.13 -22.67 -7.31
C GLU A 313 13.62 -22.50 -7.50
N LYS A 321 0.89 -23.32 1.32
CA LYS A 321 1.86 -23.09 2.39
C LYS A 321 1.47 -21.94 3.35
N VAL A 322 1.13 -20.74 2.85
CA VAL A 322 0.74 -19.61 3.73
C VAL A 322 -0.71 -19.83 4.17
N THR A 323 -1.01 -19.73 5.47
CA THR A 323 -2.36 -19.98 5.96
C THR A 323 -3.30 -18.81 5.75
N GLN A 324 -4.63 -19.07 5.78
CA GLN A 324 -5.61 -18.00 5.67
C GLN A 324 -5.47 -17.01 6.84
N GLU A 325 -5.12 -17.51 8.04
CA GLU A 325 -4.95 -16.70 9.23
C GLU A 325 -3.76 -15.73 9.07
N GLN A 326 -2.65 -16.23 8.50
CA GLN A 326 -1.47 -15.42 8.23
C GLN A 326 -1.80 -14.24 7.31
N TYR A 327 -2.61 -14.48 6.24
CA TYR A 327 -3.04 -13.42 5.33
C TYR A 327 -3.94 -12.39 6.04
N GLU A 328 -4.91 -12.90 6.84
CA GLU A 328 -5.82 -12.06 7.62
C GLU A 328 -5.05 -11.09 8.53
N LEU A 329 -4.06 -11.60 9.32
CA LEU A 329 -3.23 -10.77 10.19
C LEU A 329 -2.49 -9.66 9.35
N TYR A 330 -1.78 -10.05 8.26
CA TYR A 330 -1.08 -9.18 7.33
C TYR A 330 -1.97 -8.06 6.79
N CYS A 331 -3.25 -8.36 6.53
CA CYS A 331 -4.23 -7.39 6.03
C CYS A 331 -4.60 -6.31 7.00
N GLU A 332 -4.47 -6.54 8.32
CA GLU A 332 -4.85 -5.50 9.30
C GLU A 332 -4.24 -4.09 9.03
N MET A 333 -2.94 -3.98 8.67
CA MET A 333 -2.32 -2.68 8.44
C MET A 333 -2.84 -1.95 7.18
N GLY A 334 -3.42 -2.70 6.27
CA GLY A 334 -3.95 -2.15 5.03
C GLY A 334 -5.35 -1.58 5.13
N SER A 335 -5.88 -1.13 4.00
CA SER A 335 -7.21 -0.54 3.90
C SER A 335 -7.97 -1.37 2.87
N THR A 336 -8.37 -2.57 3.27
CA THR A 336 -9.05 -3.51 2.38
C THR A 336 -10.45 -3.92 2.83
N PHE A 337 -10.90 -3.45 4.03
CA PHE A 337 -12.23 -3.76 4.61
C PHE A 337 -13.38 -3.53 3.61
N GLN A 338 -13.29 -2.52 2.73
CA GLN A 338 -14.35 -2.23 1.77
C GLN A 338 -14.48 -3.23 0.57
N LEU A 339 -13.47 -4.10 0.34
CA LEU A 339 -13.40 -5.04 -0.78
C LEU A 339 -14.02 -6.41 -0.41
N CYS A 340 -14.76 -7.05 -1.34
CA CYS A 340 -15.33 -8.38 -1.14
C CYS A 340 -14.18 -9.39 -0.88
N LYS A 341 -14.26 -10.12 0.24
CA LYS A 341 -13.27 -11.13 0.68
C LYS A 341 -13.32 -12.41 -0.16
N ILE A 342 -14.42 -12.64 -0.89
CA ILE A 342 -14.56 -13.84 -1.70
C ILE A 342 -13.76 -13.69 -3.00
N CYS A 343 -13.97 -12.58 -3.75
CA CYS A 343 -13.30 -12.40 -5.04
C CYS A 343 -12.07 -11.56 -4.95
N ALA A 344 -12.04 -10.58 -4.01
CA ALA A 344 -10.99 -9.58 -3.83
C ALA A 344 -10.84 -8.67 -5.07
N GLU A 345 -11.95 -8.44 -5.79
CA GLU A 345 -11.89 -7.56 -6.96
C GLU A 345 -13.06 -6.57 -7.00
N ASN A 346 -14.22 -6.91 -6.41
CA ASN A 346 -15.33 -5.96 -6.34
C ASN A 346 -15.51 -5.49 -4.90
N ASP A 347 -16.00 -4.26 -4.72
CA ASP A 347 -16.26 -3.76 -3.38
C ASP A 347 -17.54 -4.40 -2.82
N LYS A 348 -17.62 -4.49 -1.49
CA LYS A 348 -18.80 -5.00 -0.80
C LYS A 348 -19.96 -4.05 -1.09
N ASP A 349 -21.07 -4.57 -1.61
CA ASP A 349 -22.23 -3.74 -1.89
C ASP A 349 -23.52 -4.36 -1.33
N VAL A 350 -23.45 -5.48 -0.58
CA VAL A 350 -24.64 -6.15 -0.07
C VAL A 350 -24.39 -6.76 1.33
N LYS A 351 -25.42 -6.64 2.19
CA LYS A 351 -25.44 -7.14 3.57
C LYS A 351 -26.46 -8.25 3.74
N ILE A 352 -26.02 -9.39 4.32
CA ILE A 352 -26.94 -10.50 4.58
C ILE A 352 -27.67 -10.26 5.91
N GLU A 353 -28.93 -10.65 6.00
CA GLU A 353 -29.70 -10.50 7.23
C GLU A 353 -30.15 -11.90 7.70
N PRO A 354 -30.06 -12.21 9.01
CA PRO A 354 -29.65 -11.32 10.11
C PRO A 354 -28.16 -11.38 10.50
N CYS A 355 -27.32 -12.17 9.80
CA CYS A 355 -25.92 -12.34 10.22
C CYS A 355 -25.06 -11.11 10.06
N GLY A 356 -25.39 -10.28 9.09
CA GLY A 356 -24.64 -9.05 8.85
C GLY A 356 -23.42 -9.16 7.98
N HIS A 357 -23.10 -10.37 7.46
CA HIS A 357 -21.92 -10.51 6.60
C HIS A 357 -22.06 -9.72 5.31
N LEU A 358 -20.97 -9.14 4.87
CA LEU A 358 -20.89 -8.29 3.68
C LEU A 358 -20.08 -8.95 2.58
N MET A 359 -20.47 -8.67 1.33
CA MET A 359 -19.76 -9.19 0.15
C MET A 359 -20.29 -8.43 -1.09
N CYS A 360 -19.74 -8.74 -2.29
CA CYS A 360 -20.30 -8.14 -3.49
C CYS A 360 -21.49 -9.00 -3.98
N THR A 361 -22.44 -8.36 -4.66
CA THR A 361 -23.67 -8.98 -5.19
C THR A 361 -23.33 -10.07 -6.18
N SER A 362 -22.31 -9.87 -7.00
CA SER A 362 -21.88 -10.88 -7.95
C SER A 362 -21.48 -12.20 -7.25
N CYS A 363 -20.74 -12.13 -6.12
CA CYS A 363 -20.36 -13.35 -5.38
C CYS A 363 -21.56 -13.96 -4.68
N LEU A 364 -22.45 -13.11 -4.13
CA LEU A 364 -23.65 -13.61 -3.46
C LEU A 364 -24.50 -14.34 -4.48
N THR A 365 -24.65 -13.79 -5.70
CA THR A 365 -25.44 -14.43 -6.76
C THR A 365 -24.84 -15.74 -7.19
N ALA A 366 -23.49 -15.80 -7.33
CA ALA A 366 -22.79 -17.03 -7.68
C ALA A 366 -23.07 -18.10 -6.62
N TRP A 367 -23.01 -17.70 -5.33
CA TRP A 367 -23.23 -18.57 -4.19
C TRP A 367 -24.68 -19.07 -4.15
N GLN A 368 -25.67 -18.19 -4.34
CA GLN A 368 -27.09 -18.61 -4.33
C GLN A 368 -27.39 -19.55 -5.50
N GLU A 369 -26.78 -19.27 -6.66
CA GLU A 369 -26.96 -20.13 -7.84
C GLU A 369 -26.22 -21.48 -7.72
N SER A 370 -25.32 -21.64 -6.74
CA SER A 370 -24.63 -22.91 -6.54
C SER A 370 -25.30 -23.82 -5.49
N ASP A 371 -26.50 -23.43 -5.03
CA ASP A 371 -27.24 -24.06 -3.96
C ASP A 371 -26.43 -24.12 -2.67
N GLY A 372 -25.64 -23.07 -2.42
CA GLY A 372 -24.89 -22.94 -1.19
C GLY A 372 -25.89 -22.71 -0.07
N GLN A 373 -25.76 -23.46 1.02
CA GLN A 373 -26.74 -23.36 2.10
C GLN A 373 -26.45 -22.18 3.02
N GLY A 374 -27.39 -21.24 3.06
CA GLY A 374 -27.26 -20.02 3.84
C GLY A 374 -26.13 -19.11 3.41
N CYS A 375 -25.62 -18.28 4.33
CA CYS A 375 -24.54 -17.33 4.09
C CYS A 375 -23.20 -18.01 3.68
N PRO A 376 -22.45 -17.48 2.69
CA PRO A 376 -21.17 -18.15 2.33
C PRO A 376 -20.11 -18.17 3.44
N PHE A 377 -20.23 -17.25 4.41
CA PHE A 377 -19.27 -17.12 5.51
C PHE A 377 -19.61 -17.95 6.75
N CYS A 378 -20.87 -17.94 7.18
CA CYS A 378 -21.31 -18.61 8.42
C CYS A 378 -22.38 -19.68 8.21
N ARG A 379 -23.05 -19.65 7.07
CA ARG A 379 -24.10 -20.57 6.66
C ARG A 379 -25.39 -20.43 7.48
N CYS A 380 -25.62 -19.25 8.10
CA CYS A 380 -26.93 -18.97 8.73
C CYS A 380 -27.91 -18.73 7.56
N GLU A 381 -29.21 -18.99 7.77
CA GLU A 381 -30.21 -18.76 6.71
C GLU A 381 -30.19 -17.27 6.24
N ILE A 382 -30.23 -17.05 4.91
CA ILE A 382 -30.30 -15.69 4.41
C ILE A 382 -31.77 -15.30 4.50
N LYS A 383 -32.14 -14.57 5.57
CA LYS A 383 -33.52 -14.11 5.71
C LYS A 383 -33.84 -12.94 4.76
N GLY A 384 -32.80 -12.22 4.33
CA GLY A 384 -32.90 -11.09 3.42
C GLY A 384 -31.54 -10.46 3.11
N THR A 385 -31.55 -9.47 2.23
CA THR A 385 -30.36 -8.71 1.85
C THR A 385 -30.71 -7.20 1.85
N GLU A 386 -29.67 -6.35 1.80
CA GLU A 386 -29.79 -4.90 1.77
C GLU A 386 -28.53 -4.35 1.10
N PRO A 387 -28.71 -3.44 0.12
CA PRO A 387 -27.53 -2.80 -0.48
C PRO A 387 -26.82 -1.87 0.51
N ILE A 388 -25.48 -1.88 0.52
CA ILE A 388 -24.67 -1.04 1.42
C ILE A 388 -23.41 -0.48 0.71
N ILE A 389 -22.83 0.58 1.28
CA ILE A 389 -21.59 1.18 0.82
C ILE A 389 -20.65 1.08 2.02
N VAL A 390 -19.50 0.49 1.81
CA VAL A 390 -18.53 0.29 2.87
C VAL A 390 -17.28 1.16 2.64
N ASP A 391 -16.77 1.70 3.72
CA ASP A 391 -15.54 2.48 3.71
C ASP A 391 -14.41 1.57 4.31
N PRO A 392 -13.14 1.72 3.88
CA PRO A 392 -12.06 0.89 4.47
C PRO A 392 -11.86 1.01 5.98
N PHE A 393 -12.42 2.06 6.59
CA PHE A 393 -12.23 2.28 8.01
C PHE A 393 -13.49 1.95 8.83
N ASP A 394 -14.33 1.02 8.37
CA ASP A 394 -15.50 0.62 9.15
C ASP A 394 -15.17 -0.62 10.04
#